data_1IMS
# 
_entry.id   1IMS 
# 
_audit_conform.dict_name       mmcif_pdbx.dic 
_audit_conform.dict_version    5.386 
_audit_conform.dict_location   http://mmcif.pdb.org/dictionaries/ascii/mmcif_pdbx.dic 
# 
loop_
_database_2.database_id 
_database_2.database_code 
_database_2.pdbx_database_accession 
_database_2.pdbx_DOI 
PDB   1IMS         pdb_00001ims 10.2210/pdb1ims/pdb 
RCSB  DDF062       ?            ?                   
WWPDB D_1000174201 ?            ?                   
# 
loop_
_pdbx_audit_revision_history.ordinal 
_pdbx_audit_revision_history.data_content_type 
_pdbx_audit_revision_history.major_revision 
_pdbx_audit_revision_history.minor_revision 
_pdbx_audit_revision_history.revision_date 
1 'Structure model' 1 0 1996-04-04 
2 'Structure model' 1 1 2008-05-22 
3 'Structure model' 1 2 2011-07-13 
4 'Structure model' 1 3 2024-02-07 
# 
_pdbx_audit_revision_details.ordinal             1 
_pdbx_audit_revision_details.revision_ordinal    1 
_pdbx_audit_revision_details.data_content_type   'Structure model' 
_pdbx_audit_revision_details.provider            repository 
_pdbx_audit_revision_details.type                'Initial release' 
_pdbx_audit_revision_details.description         ? 
_pdbx_audit_revision_details.details             ? 
# 
loop_
_pdbx_audit_revision_group.ordinal 
_pdbx_audit_revision_group.revision_ordinal 
_pdbx_audit_revision_group.data_content_type 
_pdbx_audit_revision_group.group 
1 2 'Structure model' 'Version format compliance' 
2 3 'Structure model' 'Version format compliance' 
3 4 'Structure model' 'Data collection'           
4 4 'Structure model' 'Database references'       
5 4 'Structure model' 'Derived calculations'      
# 
loop_
_pdbx_audit_revision_category.ordinal 
_pdbx_audit_revision_category.revision_ordinal 
_pdbx_audit_revision_category.data_content_type 
_pdbx_audit_revision_category.category 
1 4 'Structure model' chem_comp_atom 
2 4 'Structure model' chem_comp_bond 
3 4 'Structure model' database_2     
4 4 'Structure model' struct_site    
# 
loop_
_pdbx_audit_revision_item.ordinal 
_pdbx_audit_revision_item.revision_ordinal 
_pdbx_audit_revision_item.data_content_type 
_pdbx_audit_revision_item.item 
1 4 'Structure model' '_database_2.pdbx_DOI'                
2 4 'Structure model' '_database_2.pdbx_database_accession' 
3 4 'Structure model' '_struct_site.pdbx_auth_asym_id'      
4 4 'Structure model' '_struct_site.pdbx_auth_comp_id'      
5 4 'Structure model' '_struct_site.pdbx_auth_seq_id'       
# 
_pdbx_database_status.status_code                     REL 
_pdbx_database_status.entry_id                        1IMS 
_pdbx_database_status.recvd_initial_deposition_date   1995-10-23 
_pdbx_database_status.deposit_site                    BNL 
_pdbx_database_status.process_site                    NDB 
_pdbx_database_status.SG_entry                        . 
_pdbx_database_status.pdb_format_compatible           Y 
_pdbx_database_status.status_code_mr                  ? 
_pdbx_database_status.status_code_sf                  ? 
_pdbx_database_status.status_code_cs                  ? 
_pdbx_database_status.status_code_nmr_data            ? 
_pdbx_database_status.methods_development_category    ? 
# 
loop_
_audit_author.name 
_audit_author.pdbx_ordinal 
'Berger, I.'     1 
'Su, L.'         2 
'Spitzner, J.R.' 3 
'Kang, C.'       4 
'Burke, T.G.'    5 
'Rich, A.'       6 
# 
_citation.id                        primary 
_citation.title                     
'Molecular structure of the halogenated anti-cancer drug iododoxorubicin complexed with d(TGTACA) and d(CGATCG).' 
_citation.journal_abbrev            'Nucleic Acids Res.' 
_citation.journal_volume            23 
_citation.page_first                4488 
_citation.page_last                 4494 
_citation.year                      1995 
_citation.journal_id_ASTM           NARHAD 
_citation.country                   UK 
_citation.journal_id_ISSN           0305-1048 
_citation.journal_id_CSD            0389 
_citation.book_publisher            ? 
_citation.pdbx_database_id_PubMed   7501474 
_citation.pdbx_database_id_DOI      10.1093/nar/23.21.4488 
# 
loop_
_citation_author.citation_id 
_citation_author.name 
_citation_author.ordinal 
_citation_author.identifier_ORCID 
primary 'Berger, I.'     1 ? 
primary 'Su, L.'         2 ? 
primary 'Spitzner, J.R.' 3 ? 
primary 'Kang, C.'       4 ? 
primary 'Burke, T.G.'    5 ? 
primary 'Rich, A.'       6 ? 
# 
loop_
_entity.id 
_entity.type 
_entity.src_method 
_entity.pdbx_description 
_entity.formula_weight 
_entity.pdbx_number_of_molecules 
_entity.pdbx_ec 
_entity.pdbx_mutation 
_entity.pdbx_fragment 
_entity.details 
1 polymer     syn 
;DNA (5'-D(*CP*GP*AP*TP*CP*G)-3')
;
1809.217 1  ? ? ? ? 
2 non-polymer syn "4'-DEOXY-4'-IODODOXORUBICIN"      654.424  1  ? ? ? ? 
3 water       nat water                              18.015   52 ? ? ? ? 
# 
_entity_poly.entity_id                      1 
_entity_poly.type                           polydeoxyribonucleotide 
_entity_poly.nstd_linkage                   no 
_entity_poly.nstd_monomer                   no 
_entity_poly.pdbx_seq_one_letter_code       '(DC)(DG)(DA)(DT)(DC)(DG)' 
_entity_poly.pdbx_seq_one_letter_code_can   CGATCG 
_entity_poly.pdbx_strand_id                 A 
_entity_poly.pdbx_target_identifier         ? 
# 
loop_
_pdbx_entity_nonpoly.entity_id 
_pdbx_entity_nonpoly.name 
_pdbx_entity_nonpoly.comp_id 
2 "4'-DEOXY-4'-IODODOXORUBICIN" DM7 
3 water                         HOH 
# 
loop_
_entity_poly_seq.entity_id 
_entity_poly_seq.num 
_entity_poly_seq.mon_id 
_entity_poly_seq.hetero 
1 1 DC n 
1 2 DG n 
1 3 DA n 
1 4 DT n 
1 5 DC n 
1 6 DG n 
# 
loop_
_chem_comp.id 
_chem_comp.type 
_chem_comp.mon_nstd_flag 
_chem_comp.name 
_chem_comp.pdbx_synonyms 
_chem_comp.formula 
_chem_comp.formula_weight 
DA  'DNA linking' y "2'-DEOXYADENOSINE-5'-MONOPHOSPHATE" ?                            'C10 H14 N5 O6 P'   331.222 
DC  'DNA linking' y "2'-DEOXYCYTIDINE-5'-MONOPHOSPHATE"  ?                            'C9 H14 N3 O7 P'    307.197 
DG  'DNA linking' y "2'-DEOXYGUANOSINE-5'-MONOPHOSPHATE" ?                            'C10 H14 N5 O7 P'   347.221 
DM7 non-polymer   . "4'-DEOXY-4'-IODODOXORUBICIN"        "4'-DEOXY-4'-IODOADRIAMYCIN" 'C27 H29 I N O10 1' 654.424 
DT  'DNA linking' y "THYMIDINE-5'-MONOPHOSPHATE"         ?                            'C10 H15 N2 O8 P'   322.208 
HOH non-polymer   . WATER                                ?                            'H2 O'              18.015  
# 
loop_
_pdbx_poly_seq_scheme.asym_id 
_pdbx_poly_seq_scheme.entity_id 
_pdbx_poly_seq_scheme.seq_id 
_pdbx_poly_seq_scheme.mon_id 
_pdbx_poly_seq_scheme.ndb_seq_num 
_pdbx_poly_seq_scheme.pdb_seq_num 
_pdbx_poly_seq_scheme.auth_seq_num 
_pdbx_poly_seq_scheme.pdb_mon_id 
_pdbx_poly_seq_scheme.auth_mon_id 
_pdbx_poly_seq_scheme.pdb_strand_id 
_pdbx_poly_seq_scheme.pdb_ins_code 
_pdbx_poly_seq_scheme.hetero 
A 1 1 DC 1 1 1 DC C A . n 
A 1 2 DG 2 2 2 DG G A . n 
A 1 3 DA 3 3 3 DA A A . n 
A 1 4 DT 4 4 4 DT T A . n 
A 1 5 DC 5 5 5 DC C A . n 
A 1 6 DG 6 6 6 DG G A . n 
# 
loop_
_pdbx_nonpoly_scheme.asym_id 
_pdbx_nonpoly_scheme.entity_id 
_pdbx_nonpoly_scheme.mon_id 
_pdbx_nonpoly_scheme.ndb_seq_num 
_pdbx_nonpoly_scheme.pdb_seq_num 
_pdbx_nonpoly_scheme.auth_seq_num 
_pdbx_nonpoly_scheme.pdb_mon_id 
_pdbx_nonpoly_scheme.auth_mon_id 
_pdbx_nonpoly_scheme.pdb_strand_id 
_pdbx_nonpoly_scheme.pdb_ins_code 
B 2 DM7 1  7  7  DM7 DM7 A . 
C 3 HOH 1  8  8  HOH HOH A . 
C 3 HOH 2  9  9  HOH HOH A . 
C 3 HOH 3  10 10 HOH HOH A . 
C 3 HOH 4  11 11 HOH HOH A . 
C 3 HOH 5  12 12 HOH HOH A . 
C 3 HOH 6  13 13 HOH HOH A . 
C 3 HOH 7  14 14 HOH HOH A . 
C 3 HOH 8  15 15 HOH HOH A . 
C 3 HOH 9  16 16 HOH HOH A . 
C 3 HOH 10 17 17 HOH HOH A . 
C 3 HOH 11 18 18 HOH HOH A . 
C 3 HOH 12 19 19 HOH HOH A . 
C 3 HOH 13 20 20 HOH HOH A . 
C 3 HOH 14 21 21 HOH HOH A . 
C 3 HOH 15 22 22 HOH HOH A . 
C 3 HOH 16 23 23 HOH HOH A . 
C 3 HOH 17 24 24 HOH HOH A . 
C 3 HOH 18 25 25 HOH HOH A . 
C 3 HOH 19 26 26 HOH HOH A . 
C 3 HOH 20 27 27 HOH HOH A . 
C 3 HOH 21 28 28 HOH HOH A . 
C 3 HOH 22 29 29 HOH HOH A . 
C 3 HOH 23 30 30 HOH HOH A . 
C 3 HOH 24 31 31 HOH HOH A . 
C 3 HOH 25 32 32 HOH HOH A . 
C 3 HOH 26 33 33 HOH HOH A . 
C 3 HOH 27 34 34 HOH HOH A . 
C 3 HOH 28 35 35 HOH HOH A . 
C 3 HOH 29 36 36 HOH HOH A . 
C 3 HOH 30 37 37 HOH HOH A . 
C 3 HOH 31 38 38 HOH HOH A . 
C 3 HOH 32 39 39 HOH HOH A . 
C 3 HOH 33 40 40 HOH HOH A . 
C 3 HOH 34 41 41 HOH HOH A . 
C 3 HOH 35 42 42 HOH HOH A . 
C 3 HOH 36 43 43 HOH HOH A . 
C 3 HOH 37 44 44 HOH HOH A . 
C 3 HOH 38 45 45 HOH HOH A . 
C 3 HOH 39 46 46 HOH HOH A . 
C 3 HOH 40 47 47 HOH HOH A . 
C 3 HOH 41 48 48 HOH HOH A . 
C 3 HOH 42 49 49 HOH HOH A . 
C 3 HOH 43 50 50 HOH HOH A . 
C 3 HOH 44 51 51 HOH HOH A . 
C 3 HOH 45 52 52 HOH HOH A . 
C 3 HOH 46 53 53 HOH HOH A . 
C 3 HOH 47 54 54 HOH HOH A . 
C 3 HOH 48 55 55 HOH HOH A . 
C 3 HOH 49 56 56 HOH HOH A . 
C 3 HOH 50 57 57 HOH HOH A . 
C 3 HOH 51 58 58 HOH HOH A . 
C 3 HOH 52 59 59 HOH HOH A . 
# 
_software.name             X-PLOR 
_software.classification   refinement 
_software.version          . 
_software.citation_id      ? 
_software.pdbx_ordinal     1 
# 
_cell.entry_id           1IMS 
_cell.length_a           27.730 
_cell.length_b           27.730 
_cell.length_c           52.490 
_cell.angle_alpha        90.00 
_cell.angle_beta         90.00 
_cell.angle_gamma        90.00 
_cell.Z_PDB              8 
_cell.pdbx_unique_axis   ? 
# 
_symmetry.entry_id                         1IMS 
_symmetry.space_group_name_H-M             'P 41 21 2' 
_symmetry.pdbx_full_space_group_name_H-M   ? 
_symmetry.cell_setting                     ? 
_symmetry.Int_Tables_number                92 
# 
_exptl.entry_id          1IMS 
_exptl.method            'X-RAY DIFFRACTION' 
_exptl.crystals_number   ? 
# 
_exptl_crystal.id                    1 
_exptl_crystal.density_meas          ? 
_exptl_crystal.density_Matthews      2.79 
_exptl_crystal.density_percent_sol   55.89 
_exptl_crystal.description           ? 
# 
_exptl_crystal_grow.crystal_id      1 
_exptl_crystal_grow.method          'VAPOR DIFFUSION, HANGING DROP' 
_exptl_crystal_grow.temp            277.00 
_exptl_crystal_grow.temp_details    ? 
_exptl_crystal_grow.pH              6.00 
_exptl_crystal_grow.pdbx_details    'pH 6.00, VAPOR DIFFUSION, HANGING DROP, temperature 277.00K' 
_exptl_crystal_grow.pdbx_pH_range   ? 
# 
loop_
_exptl_crystal_grow_comp.crystal_id 
_exptl_crystal_grow_comp.id 
_exptl_crystal_grow_comp.sol_id 
_exptl_crystal_grow_comp.name 
_exptl_crystal_grow_comp.volume 
_exptl_crystal_grow_comp.conc 
_exptl_crystal_grow_comp.details 
1 1 1 WATER          ? ? ? 
1 2 1 MPD            ? ? ? 
1 3 1 SPERMINE       ? ? ? 
1 4 1 KCL            ? ? ? 
1 5 1 'K CACODYLATE' ? ? ? 
1 6 2 WATER          ? ? ? 
1 7 2 MPD            ? ? ? 
# 
_diffrn.id                     1 
_diffrn.ambient_temp           277.00 
_diffrn.ambient_temp_details   ? 
_diffrn.crystal_id             1 
# 
_diffrn_detector.diffrn_id              1 
_diffrn_detector.detector               'IMAGE PLATE' 
_diffrn_detector.type                   'RIGAKU RAXIS IIC' 
_diffrn_detector.pdbx_collection_date   ? 
_diffrn_detector.details                ? 
# 
_diffrn_radiation.diffrn_id                        1 
_diffrn_radiation.wavelength_id                    1 
_diffrn_radiation.pdbx_monochromatic_or_laue_m_l   ? 
_diffrn_radiation.monochromator                    ? 
_diffrn_radiation.pdbx_diffrn_protocol             ? 
_diffrn_radiation.pdbx_scattering_type             x-ray 
# 
_diffrn_radiation_wavelength.id           1 
_diffrn_radiation_wavelength.wavelength   . 
_diffrn_radiation_wavelength.wt           1.0 
# 
_diffrn_source.diffrn_id                   1 
_diffrn_source.source                      ? 
_diffrn_source.type                        ? 
_diffrn_source.pdbx_synchrotron_site       ? 
_diffrn_source.pdbx_synchrotron_beamline   ? 
_diffrn_source.pdbx_wavelength             ? 
_diffrn_source.pdbx_wavelength_list        ? 
# 
_refine.entry_id                                 1IMS 
_refine.ls_number_reflns_obs                     3028 
_refine.ls_number_reflns_all                     ? 
_refine.pdbx_ls_sigma_I                          ? 
_refine.pdbx_ls_sigma_F                          2.000 
_refine.pdbx_data_cutoff_high_absF               ? 
_refine.pdbx_data_cutoff_low_absF                ? 
_refine.pdbx_data_cutoff_high_rms_absF           ? 
_refine.ls_d_res_low                             10.000 
_refine.ls_d_res_high                            1.500 
_refine.ls_percent_reflns_obs                    ? 
_refine.ls_R_factor_obs                          0.1800000 
_refine.ls_R_factor_all                          ? 
_refine.ls_R_factor_R_work                       0.1800000 
_refine.ls_R_factor_R_free                       ? 
_refine.ls_R_factor_R_free_error                 ? 
_refine.ls_R_factor_R_free_error_details         ? 
_refine.ls_percent_reflns_R_free                 ? 
_refine.ls_number_reflns_R_free                  ? 
_refine.ls_number_parameters                     ? 
_refine.ls_number_restraints                     ? 
_refine.occupancy_min                            ? 
_refine.occupancy_max                            ? 
_refine.B_iso_mean                               ? 
_refine.aniso_B[1][1]                            ? 
_refine.aniso_B[2][2]                            ? 
_refine.aniso_B[3][3]                            ? 
_refine.aniso_B[1][2]                            ? 
_refine.aniso_B[1][3]                            ? 
_refine.aniso_B[2][3]                            ? 
_refine.solvent_model_details                    ? 
_refine.solvent_model_param_ksol                 ? 
_refine.solvent_model_param_bsol                 ? 
_refine.pdbx_ls_cross_valid_method               ? 
_refine.details                                  ? 
_refine.pdbx_starting_model                      ? 
_refine.pdbx_method_to_determine_struct          ? 
_refine.pdbx_isotropic_thermal_model             ? 
_refine.pdbx_stereochemistry_target_values       ? 
_refine.pdbx_stereochem_target_val_spec_case     ? 
_refine.pdbx_R_Free_selection_details            ? 
_refine.pdbx_overall_ESU_R                       ? 
_refine.pdbx_overall_ESU_R_Free                  ? 
_refine.overall_SU_ML                            ? 
_refine.overall_SU_B                             ? 
_refine.pdbx_refine_id                           'X-RAY DIFFRACTION' 
_refine.pdbx_diffrn_id                           1 
_refine.pdbx_TLS_residual_ADP_flag               ? 
_refine.correlation_coeff_Fo_to_Fc               ? 
_refine.correlation_coeff_Fo_to_Fc_free          ? 
_refine.pdbx_solvent_vdw_probe_radii             ? 
_refine.pdbx_solvent_ion_probe_radii             ? 
_refine.pdbx_solvent_shrinkage_radii             ? 
_refine.pdbx_overall_phase_error                 ? 
_refine.overall_SU_R_Cruickshank_DPI             ? 
_refine.pdbx_overall_SU_R_free_Cruickshank_DPI   ? 
_refine.pdbx_overall_SU_R_Blow_DPI               ? 
_refine.pdbx_overall_SU_R_free_Blow_DPI          ? 
# 
_refine_hist.pdbx_refine_id                   'X-RAY DIFFRACTION' 
_refine_hist.cycle_id                         LAST 
_refine_hist.pdbx_number_atoms_protein        0 
_refine_hist.pdbx_number_atoms_nucleic_acid   135 
_refine_hist.pdbx_number_atoms_ligand         39 
_refine_hist.number_atoms_solvent             52 
_refine_hist.number_atoms_total               226 
_refine_hist.d_res_high                       1.500 
_refine_hist.d_res_low                        10.000 
# 
loop_
_refine_ls_restr.type 
_refine_ls_restr.dev_ideal 
_refine_ls_restr.dev_ideal_target 
_refine_ls_restr.weight 
_refine_ls_restr.number 
_refine_ls_restr.pdbx_refine_id 
_refine_ls_restr.pdbx_restraint_function 
x_bond_d                0.019 ? ? ? 'X-RAY DIFFRACTION' ? 
x_bond_d_na             ?     ? ? ? 'X-RAY DIFFRACTION' ? 
x_bond_d_prot           ?     ? ? ? 'X-RAY DIFFRACTION' ? 
x_angle_d               ?     ? ? ? 'X-RAY DIFFRACTION' ? 
x_angle_d_na            ?     ? ? ? 'X-RAY DIFFRACTION' ? 
x_angle_d_prot          ?     ? ? ? 'X-RAY DIFFRACTION' ? 
x_angle_deg             ?     ? ? ? 'X-RAY DIFFRACTION' ? 
x_angle_deg_na          ?     ? ? ? 'X-RAY DIFFRACTION' ? 
x_angle_deg_prot        ?     ? ? ? 'X-RAY DIFFRACTION' ? 
x_dihedral_angle_d      ?     ? ? ? 'X-RAY DIFFRACTION' ? 
x_dihedral_angle_d_na   ?     ? ? ? 'X-RAY DIFFRACTION' ? 
x_dihedral_angle_d_prot ?     ? ? ? 'X-RAY DIFFRACTION' ? 
x_improper_angle_d      ?     ? ? ? 'X-RAY DIFFRACTION' ? 
x_improper_angle_d_na   ?     ? ? ? 'X-RAY DIFFRACTION' ? 
x_improper_angle_d_prot ?     ? ? ? 'X-RAY DIFFRACTION' ? 
x_mcbond_it             ?     ? ? ? 'X-RAY DIFFRACTION' ? 
x_mcangle_it            ?     ? ? ? 'X-RAY DIFFRACTION' ? 
x_scbond_it             ?     ? ? ? 'X-RAY DIFFRACTION' ? 
x_scangle_it            ?     ? ? ? 'X-RAY DIFFRACTION' ? 
# 
_struct.entry_id                  1IMS 
_struct.title                     
'MOLECULAR STRUCTURE OF THE HALOGENATED ANTI-CANCER DRUG IODODOXORUBICIN COMPLEXED WITH D(TGTACA) AND D(CGATCG)' 
_struct.pdbx_model_details        ? 
_struct.pdbx_CASP_flag            ? 
_struct.pdbx_model_type_details   ? 
# 
_struct_keywords.entry_id        1IMS 
_struct_keywords.pdbx_keywords   DNA 
_struct_keywords.text            'RIGHT HANDED DNA, DOUBLE HELIX, COMPLEXED WITH DRUG, DNA' 
# 
loop_
_struct_asym.id 
_struct_asym.pdbx_blank_PDB_chainid_flag 
_struct_asym.pdbx_modified 
_struct_asym.entity_id 
_struct_asym.details 
A N N 1 ? 
B N N 2 ? 
C N N 3 ? 
# 
_struct_ref.id                         1 
_struct_ref.entity_id                  1 
_struct_ref.db_name                    PDB 
_struct_ref.db_code                    1IMS 
_struct_ref.pdbx_db_accession          1IMS 
_struct_ref.pdbx_db_isoform            ? 
_struct_ref.pdbx_seq_one_letter_code   ? 
_struct_ref.pdbx_align_begin           ? 
# 
_struct_ref_seq.align_id                      1 
_struct_ref_seq.ref_id                        1 
_struct_ref_seq.pdbx_PDB_id_code              1IMS 
_struct_ref_seq.pdbx_strand_id                A 
_struct_ref_seq.seq_align_beg                 1 
_struct_ref_seq.pdbx_seq_align_beg_ins_code   ? 
_struct_ref_seq.seq_align_end                 6 
_struct_ref_seq.pdbx_seq_align_end_ins_code   ? 
_struct_ref_seq.pdbx_db_accession             1IMS 
_struct_ref_seq.db_align_beg                  1 
_struct_ref_seq.pdbx_db_align_beg_ins_code    ? 
_struct_ref_seq.db_align_end                  6 
_struct_ref_seq.pdbx_db_align_end_ins_code    ? 
_struct_ref_seq.pdbx_auth_seq_align_beg       1 
_struct_ref_seq.pdbx_auth_seq_align_end       6 
# 
_pdbx_struct_assembly.id                   1 
_pdbx_struct_assembly.details              author_defined_assembly 
_pdbx_struct_assembly.method_details       ? 
_pdbx_struct_assembly.oligomeric_details   dimeric 
_pdbx_struct_assembly.oligomeric_count     2 
# 
_pdbx_struct_assembly_gen.assembly_id       1 
_pdbx_struct_assembly_gen.oper_expression   1,2 
_pdbx_struct_assembly_gen.asym_id_list      A,B,C 
# 
loop_
_pdbx_struct_oper_list.id 
_pdbx_struct_oper_list.type 
_pdbx_struct_oper_list.name 
_pdbx_struct_oper_list.symmetry_operation 
_pdbx_struct_oper_list.matrix[1][1] 
_pdbx_struct_oper_list.matrix[1][2] 
_pdbx_struct_oper_list.matrix[1][3] 
_pdbx_struct_oper_list.vector[1] 
_pdbx_struct_oper_list.matrix[2][1] 
_pdbx_struct_oper_list.matrix[2][2] 
_pdbx_struct_oper_list.matrix[2][3] 
_pdbx_struct_oper_list.vector[2] 
_pdbx_struct_oper_list.matrix[3][1] 
_pdbx_struct_oper_list.matrix[3][2] 
_pdbx_struct_oper_list.matrix[3][3] 
_pdbx_struct_oper_list.vector[3] 
1 'identity operation'         1_555 x,y,z            1.0000000000  0.0000000000  0.0000000000  0.0000000000  0.0000000000  1.0000000000 0.0000000000 0.0000000000  0.0000000000  0.0000000000 1.0000000000  0.0000000000 
2 'crystal symmetry operation' 8_665 -y+1,-x+1,-z+1/2 -0.9501369382 -0.3103770011 -0.0300984368 -2.2293415687 -0.3103770011 0.9319688622 0.1873503593 -0.8644505829 -0.0300984368 0.1873503593 -0.9818319240 5.2209948378 
# 
_struct_biol.id   1 
# 
loop_
_struct_conn.id 
_struct_conn.conn_type_id 
_struct_conn.pdbx_leaving_atom_flag 
_struct_conn.pdbx_PDB_id 
_struct_conn.ptnr1_label_asym_id 
_struct_conn.ptnr1_label_comp_id 
_struct_conn.ptnr1_label_seq_id 
_struct_conn.ptnr1_label_atom_id 
_struct_conn.pdbx_ptnr1_label_alt_id 
_struct_conn.pdbx_ptnr1_PDB_ins_code 
_struct_conn.pdbx_ptnr1_standard_comp_id 
_struct_conn.ptnr1_symmetry 
_struct_conn.ptnr2_label_asym_id 
_struct_conn.ptnr2_label_comp_id 
_struct_conn.ptnr2_label_seq_id 
_struct_conn.ptnr2_label_atom_id 
_struct_conn.pdbx_ptnr2_label_alt_id 
_struct_conn.pdbx_ptnr2_PDB_ins_code 
_struct_conn.ptnr1_auth_asym_id 
_struct_conn.ptnr1_auth_comp_id 
_struct_conn.ptnr1_auth_seq_id 
_struct_conn.ptnr2_auth_asym_id 
_struct_conn.ptnr2_auth_comp_id 
_struct_conn.ptnr2_auth_seq_id 
_struct_conn.ptnr2_symmetry 
_struct_conn.pdbx_ptnr3_label_atom_id 
_struct_conn.pdbx_ptnr3_label_seq_id 
_struct_conn.pdbx_ptnr3_label_comp_id 
_struct_conn.pdbx_ptnr3_label_asym_id 
_struct_conn.pdbx_ptnr3_label_alt_id 
_struct_conn.pdbx_ptnr3_PDB_ins_code 
_struct_conn.details 
_struct_conn.pdbx_dist_value 
_struct_conn.pdbx_value_order 
_struct_conn.pdbx_role 
hydrog1  hydrog ? ? A DC 1 N3 ? ? ? 1_555 A DG 6 N1 ? ? A DC 1 A DG 6 8_665 ? ? ? ? ? ? WATSON-CRICK ? ? ? 
hydrog2  hydrog ? ? A DC 1 N4 ? ? ? 1_555 A DG 6 O6 ? ? A DC 1 A DG 6 8_665 ? ? ? ? ? ? WATSON-CRICK ? ? ? 
hydrog3  hydrog ? ? A DC 1 O2 ? ? ? 1_555 A DG 6 N2 ? ? A DC 1 A DG 6 8_665 ? ? ? ? ? ? WATSON-CRICK ? ? ? 
hydrog4  hydrog ? ? A DG 2 N1 ? ? ? 1_555 A DC 5 N3 ? ? A DG 2 A DC 5 8_665 ? ? ? ? ? ? WATSON-CRICK ? ? ? 
hydrog5  hydrog ? ? A DG 2 N2 ? ? ? 1_555 A DC 5 O2 ? ? A DG 2 A DC 5 8_665 ? ? ? ? ? ? WATSON-CRICK ? ? ? 
hydrog6  hydrog ? ? A DG 2 O6 ? ? ? 1_555 A DC 5 N4 ? ? A DG 2 A DC 5 8_665 ? ? ? ? ? ? WATSON-CRICK ? ? ? 
hydrog7  hydrog ? ? A DA 3 N1 ? ? ? 1_555 A DT 4 N3 ? ? A DA 3 A DT 4 8_665 ? ? ? ? ? ? WATSON-CRICK ? ? ? 
hydrog8  hydrog ? ? A DA 3 N6 ? ? ? 1_555 A DT 4 O4 ? ? A DA 3 A DT 4 8_665 ? ? ? ? ? ? WATSON-CRICK ? ? ? 
hydrog9  hydrog ? ? A DT 4 N3 ? ? ? 1_555 A DA 3 N1 ? ? A DT 4 A DA 3 8_665 ? ? ? ? ? ? WATSON-CRICK ? ? ? 
hydrog10 hydrog ? ? A DT 4 O4 ? ? ? 1_555 A DA 3 N6 ? ? A DT 4 A DA 3 8_665 ? ? ? ? ? ? WATSON-CRICK ? ? ? 
hydrog11 hydrog ? ? A DC 5 N3 ? ? ? 1_555 A DG 2 N1 ? ? A DC 5 A DG 2 8_665 ? ? ? ? ? ? WATSON-CRICK ? ? ? 
hydrog12 hydrog ? ? A DC 5 N4 ? ? ? 1_555 A DG 2 O6 ? ? A DC 5 A DG 2 8_665 ? ? ? ? ? ? WATSON-CRICK ? ? ? 
hydrog13 hydrog ? ? A DC 5 O2 ? ? ? 1_555 A DG 2 N2 ? ? A DC 5 A DG 2 8_665 ? ? ? ? ? ? WATSON-CRICK ? ? ? 
hydrog14 hydrog ? ? A DG 6 N1 ? ? ? 1_555 A DC 1 N3 ? ? A DG 6 A DC 1 8_665 ? ? ? ? ? ? WATSON-CRICK ? ? ? 
hydrog15 hydrog ? ? A DG 6 N2 ? ? ? 1_555 A DC 1 O2 ? ? A DG 6 A DC 1 8_665 ? ? ? ? ? ? WATSON-CRICK ? ? ? 
hydrog16 hydrog ? ? A DG 6 O6 ? ? ? 1_555 A DC 1 N4 ? ? A DG 6 A DC 1 8_665 ? ? ? ? ? ? WATSON-CRICK ? ? ? 
# 
_struct_conn_type.id          hydrog 
_struct_conn_type.criteria    ? 
_struct_conn_type.reference   ? 
# 
loop_
_struct_site.id 
_struct_site.pdbx_evidence_code 
_struct_site.pdbx_auth_asym_id 
_struct_site.pdbx_auth_comp_id 
_struct_site.pdbx_auth_seq_id 
_struct_site.pdbx_auth_ins_code 
_struct_site.pdbx_num_residues 
_struct_site.details 
AC1 Software A DM7 7 ? 14 'BINDING SITE FOR RESIDUE DM7 A 7' 
1   ?        ? ?   ? ? ?  ?                                  
# 
loop_
_struct_site_gen.id 
_struct_site_gen.site_id 
_struct_site_gen.pdbx_num_res 
_struct_site_gen.label_comp_id 
_struct_site_gen.label_asym_id 
_struct_site_gen.label_seq_id 
_struct_site_gen.pdbx_auth_ins_code 
_struct_site_gen.auth_comp_id 
_struct_site_gen.auth_asym_id 
_struct_site_gen.auth_seq_id 
_struct_site_gen.label_atom_id 
_struct_site_gen.label_alt_id 
_struct_site_gen.symmetry 
_struct_site_gen.details 
1  AC1 14 DC  A 1 ? DC  A 1  . ? 8_665 ? 
2  AC1 14 DG  A 2 ? DG  A 2  . ? 8_665 ? 
3  AC1 14 DA  A 3 ? DA  A 3  . ? 8_665 ? 
4  AC1 14 DT  A 4 ? DT  A 4  . ? 1_555 ? 
5  AC1 14 DC  A 5 ? DC  A 5  . ? 1_555 ? 
6  AC1 14 DG  A 6 ? DG  A 6  . ? 1_555 ? 
7  AC1 14 HOH C . ? HOH A 10 . ? 8_665 ? 
8  AC1 14 HOH C . ? HOH A 14 . ? 1_555 ? 
9  AC1 14 HOH C . ? HOH A 17 . ? 1_555 ? 
10 AC1 14 HOH C . ? HOH A 25 . ? 1_555 ? 
11 AC1 14 HOH C . ? HOH A 35 . ? 1_555 ? 
12 AC1 14 HOH C . ? HOH A 37 . ? 1_555 ? 
13 AC1 14 HOH C . ? HOH A 41 . ? 1_555 ? 
14 AC1 14 HOH C . ? HOH A 43 . ? 8_665 ? 
# 
_pdbx_validate_rmsd_bond.id                        1 
_pdbx_validate_rmsd_bond.PDB_model_num             1 
_pdbx_validate_rmsd_bond.auth_atom_id_1            C5 
_pdbx_validate_rmsd_bond.auth_asym_id_1            A 
_pdbx_validate_rmsd_bond.auth_comp_id_1            DT 
_pdbx_validate_rmsd_bond.auth_seq_id_1             4 
_pdbx_validate_rmsd_bond.PDB_ins_code_1            ? 
_pdbx_validate_rmsd_bond.label_alt_id_1            ? 
_pdbx_validate_rmsd_bond.auth_atom_id_2            C7 
_pdbx_validate_rmsd_bond.auth_asym_id_2            A 
_pdbx_validate_rmsd_bond.auth_comp_id_2            DT 
_pdbx_validate_rmsd_bond.auth_seq_id_2             4 
_pdbx_validate_rmsd_bond.PDB_ins_code_2            ? 
_pdbx_validate_rmsd_bond.label_alt_id_2            ? 
_pdbx_validate_rmsd_bond.bond_value                1.558 
_pdbx_validate_rmsd_bond.bond_target_value         1.496 
_pdbx_validate_rmsd_bond.bond_deviation            0.062 
_pdbx_validate_rmsd_bond.bond_standard_deviation   0.006 
_pdbx_validate_rmsd_bond.linker_flag               N 
# 
loop_
_pdbx_validate_rmsd_angle.id 
_pdbx_validate_rmsd_angle.PDB_model_num 
_pdbx_validate_rmsd_angle.auth_atom_id_1 
_pdbx_validate_rmsd_angle.auth_asym_id_1 
_pdbx_validate_rmsd_angle.auth_comp_id_1 
_pdbx_validate_rmsd_angle.auth_seq_id_1 
_pdbx_validate_rmsd_angle.PDB_ins_code_1 
_pdbx_validate_rmsd_angle.label_alt_id_1 
_pdbx_validate_rmsd_angle.auth_atom_id_2 
_pdbx_validate_rmsd_angle.auth_asym_id_2 
_pdbx_validate_rmsd_angle.auth_comp_id_2 
_pdbx_validate_rmsd_angle.auth_seq_id_2 
_pdbx_validate_rmsd_angle.PDB_ins_code_2 
_pdbx_validate_rmsd_angle.label_alt_id_2 
_pdbx_validate_rmsd_angle.auth_atom_id_3 
_pdbx_validate_rmsd_angle.auth_asym_id_3 
_pdbx_validate_rmsd_angle.auth_comp_id_3 
_pdbx_validate_rmsd_angle.auth_seq_id_3 
_pdbx_validate_rmsd_angle.PDB_ins_code_3 
_pdbx_validate_rmsd_angle.label_alt_id_3 
_pdbx_validate_rmsd_angle.angle_value 
_pdbx_validate_rmsd_angle.angle_target_value 
_pdbx_validate_rmsd_angle.angle_deviation 
_pdbx_validate_rmsd_angle.angle_standard_deviation 
_pdbx_validate_rmsd_angle.linker_flag 
1 1 "O4'" A DC 1 ? ? "C1'" A DC 1 ? ? N1 A DC 1 ? ? 111.55 108.30 3.25 0.30 N 
2 1 "O4'" A DC 5 ? ? "C1'" A DC 5 ? ? N1 A DC 5 ? ? 114.19 108.30 5.89 0.30 N 
# 
_pdbx_validate_planes.id              1 
_pdbx_validate_planes.PDB_model_num   1 
_pdbx_validate_planes.auth_comp_id    DC 
_pdbx_validate_planes.auth_asym_id    A 
_pdbx_validate_planes.auth_seq_id     5 
_pdbx_validate_planes.PDB_ins_code    ? 
_pdbx_validate_planes.label_alt_id    ? 
_pdbx_validate_planes.rmsd            0.060 
_pdbx_validate_planes.type            'SIDE CHAIN' 
# 
_struct_site_keywords.site_id   1 
_struct_site_keywords.text      INTERCALATION 
# 
loop_
_chem_comp_atom.comp_id 
_chem_comp_atom.atom_id 
_chem_comp_atom.type_symbol 
_chem_comp_atom.pdbx_aromatic_flag 
_chem_comp_atom.pdbx_stereo_config 
_chem_comp_atom.pdbx_ordinal 
DA  OP3    O N N 1   
DA  P      P N N 2   
DA  OP1    O N N 3   
DA  OP2    O N N 4   
DA  "O5'"  O N N 5   
DA  "C5'"  C N N 6   
DA  "C4'"  C N R 7   
DA  "O4'"  O N N 8   
DA  "C3'"  C N S 9   
DA  "O3'"  O N N 10  
DA  "C2'"  C N N 11  
DA  "C1'"  C N R 12  
DA  N9     N Y N 13  
DA  C8     C Y N 14  
DA  N7     N Y N 15  
DA  C5     C Y N 16  
DA  C6     C Y N 17  
DA  N6     N N N 18  
DA  N1     N Y N 19  
DA  C2     C Y N 20  
DA  N3     N Y N 21  
DA  C4     C Y N 22  
DA  HOP3   H N N 23  
DA  HOP2   H N N 24  
DA  "H5'"  H N N 25  
DA  "H5''" H N N 26  
DA  "H4'"  H N N 27  
DA  "H3'"  H N N 28  
DA  "HO3'" H N N 29  
DA  "H2'"  H N N 30  
DA  "H2''" H N N 31  
DA  "H1'"  H N N 32  
DA  H8     H N N 33  
DA  H61    H N N 34  
DA  H62    H N N 35  
DA  H2     H N N 36  
DC  OP3    O N N 37  
DC  P      P N N 38  
DC  OP1    O N N 39  
DC  OP2    O N N 40  
DC  "O5'"  O N N 41  
DC  "C5'"  C N N 42  
DC  "C4'"  C N R 43  
DC  "O4'"  O N N 44  
DC  "C3'"  C N S 45  
DC  "O3'"  O N N 46  
DC  "C2'"  C N N 47  
DC  "C1'"  C N R 48  
DC  N1     N N N 49  
DC  C2     C N N 50  
DC  O2     O N N 51  
DC  N3     N N N 52  
DC  C4     C N N 53  
DC  N4     N N N 54  
DC  C5     C N N 55  
DC  C6     C N N 56  
DC  HOP3   H N N 57  
DC  HOP2   H N N 58  
DC  "H5'"  H N N 59  
DC  "H5''" H N N 60  
DC  "H4'"  H N N 61  
DC  "H3'"  H N N 62  
DC  "HO3'" H N N 63  
DC  "H2'"  H N N 64  
DC  "H2''" H N N 65  
DC  "H1'"  H N N 66  
DC  H41    H N N 67  
DC  H42    H N N 68  
DC  H5     H N N 69  
DC  H6     H N N 70  
DG  OP3    O N N 71  
DG  P      P N N 72  
DG  OP1    O N N 73  
DG  OP2    O N N 74  
DG  "O5'"  O N N 75  
DG  "C5'"  C N N 76  
DG  "C4'"  C N R 77  
DG  "O4'"  O N N 78  
DG  "C3'"  C N S 79  
DG  "O3'"  O N N 80  
DG  "C2'"  C N N 81  
DG  "C1'"  C N R 82  
DG  N9     N Y N 83  
DG  C8     C Y N 84  
DG  N7     N Y N 85  
DG  C5     C Y N 86  
DG  C6     C N N 87  
DG  O6     O N N 88  
DG  N1     N N N 89  
DG  C2     C N N 90  
DG  N2     N N N 91  
DG  N3     N N N 92  
DG  C4     C Y N 93  
DG  HOP3   H N N 94  
DG  HOP2   H N N 95  
DG  "H5'"  H N N 96  
DG  "H5''" H N N 97  
DG  "H4'"  H N N 98  
DG  "H3'"  H N N 99  
DG  "HO3'" H N N 100 
DG  "H2'"  H N N 101 
DG  "H2''" H N N 102 
DG  "H1'"  H N N 103 
DG  H8     H N N 104 
DG  H1     H N N 105 
DG  H21    H N N 106 
DG  H22    H N N 107 
DM7 C1     C Y N 108 
DM7 C2     C Y N 109 
DM7 C3     C Y N 110 
DM7 C4     C Y N 111 
DM7 C5     C N N 112 
DM7 C6     C Y N 113 
DM7 C7     C N S 114 
DM7 C8     C N N 115 
DM7 C9     C N S 116 
DM7 C10    C N N 117 
DM7 C11    C Y N 118 
DM7 C12    C N N 119 
DM7 C13    C N N 120 
DM7 C14    C N N 121 
DM7 C15    C Y N 122 
DM7 C16    C Y N 123 
DM7 C17    C Y N 124 
DM7 C18    C Y N 125 
DM7 C19    C Y N 126 
DM7 C20    C Y N 127 
DM7 C21    C N N 128 
DM7 O4     O N N 129 
DM7 O5     O N N 130 
DM7 O6     O N N 131 
DM7 O7     O N N 132 
DM7 O9     O N N 133 
DM7 O11    O N N 134 
DM7 O12    O N N 135 
DM7 O13    O N N 136 
DM7 O14    O N N 137 
DM7 "C1'"  C N R 138 
DM7 "C2'"  C N N 139 
DM7 "C3'"  C N S 140 
DM7 "C4'"  C N S 141 
DM7 "C5'"  C N S 142 
DM7 "C6'"  C N N 143 
DM7 "O5'"  O N N 144 
DM7 "N3'"  N N N 145 
DM7 "I4'"  I N N 146 
DM7 H1     H N N 147 
DM7 H2     H N N 148 
DM7 H3     H N N 149 
DM7 H7     H N N 150 
DM7 H81    H N N 151 
DM7 H82    H N N 152 
DM7 H101   H N N 153 
DM7 H102   H N N 154 
DM7 H141   H N N 155 
DM7 H142   H N N 156 
DM7 H211   H N N 157 
DM7 H212   H N N 158 
DM7 H213   H N N 159 
DM7 HO6    H N N 160 
DM7 HO9    H N N 161 
DM7 HO11   H N N 162 
DM7 HO14   H N N 163 
DM7 "H1'"  H N N 164 
DM7 "H2'1" H N N 165 
DM7 "H2'2" H N N 166 
DM7 "H3'"  H N N 167 
DM7 "H4'"  H N N 168 
DM7 "H5'"  H N N 169 
DM7 "H6'1" H N N 170 
DM7 "H6'2" H N N 171 
DM7 "H6'3" H N N 172 
DM7 "HN'1" H N N 173 
DM7 "HN'2" H N N 174 
DM7 "HN'3" H N N 175 
DT  OP3    O N N 176 
DT  P      P N N 177 
DT  OP1    O N N 178 
DT  OP2    O N N 179 
DT  "O5'"  O N N 180 
DT  "C5'"  C N N 181 
DT  "C4'"  C N R 182 
DT  "O4'"  O N N 183 
DT  "C3'"  C N S 184 
DT  "O3'"  O N N 185 
DT  "C2'"  C N N 186 
DT  "C1'"  C N R 187 
DT  N1     N N N 188 
DT  C2     C N N 189 
DT  O2     O N N 190 
DT  N3     N N N 191 
DT  C4     C N N 192 
DT  O4     O N N 193 
DT  C5     C N N 194 
DT  C7     C N N 195 
DT  C6     C N N 196 
DT  HOP3   H N N 197 
DT  HOP2   H N N 198 
DT  "H5'"  H N N 199 
DT  "H5''" H N N 200 
DT  "H4'"  H N N 201 
DT  "H3'"  H N N 202 
DT  "HO3'" H N N 203 
DT  "H2'"  H N N 204 
DT  "H2''" H N N 205 
DT  "H1'"  H N N 206 
DT  H3     H N N 207 
DT  H71    H N N 208 
DT  H72    H N N 209 
DT  H73    H N N 210 
DT  H6     H N N 211 
HOH O      O N N 212 
HOH H1     H N N 213 
HOH H2     H N N 214 
# 
loop_
_chem_comp_bond.comp_id 
_chem_comp_bond.atom_id_1 
_chem_comp_bond.atom_id_2 
_chem_comp_bond.value_order 
_chem_comp_bond.pdbx_aromatic_flag 
_chem_comp_bond.pdbx_stereo_config 
_chem_comp_bond.pdbx_ordinal 
DA  OP3   P      sing N N 1   
DA  OP3   HOP3   sing N N 2   
DA  P     OP1    doub N N 3   
DA  P     OP2    sing N N 4   
DA  P     "O5'"  sing N N 5   
DA  OP2   HOP2   sing N N 6   
DA  "O5'" "C5'"  sing N N 7   
DA  "C5'" "C4'"  sing N N 8   
DA  "C5'" "H5'"  sing N N 9   
DA  "C5'" "H5''" sing N N 10  
DA  "C4'" "O4'"  sing N N 11  
DA  "C4'" "C3'"  sing N N 12  
DA  "C4'" "H4'"  sing N N 13  
DA  "O4'" "C1'"  sing N N 14  
DA  "C3'" "O3'"  sing N N 15  
DA  "C3'" "C2'"  sing N N 16  
DA  "C3'" "H3'"  sing N N 17  
DA  "O3'" "HO3'" sing N N 18  
DA  "C2'" "C1'"  sing N N 19  
DA  "C2'" "H2'"  sing N N 20  
DA  "C2'" "H2''" sing N N 21  
DA  "C1'" N9     sing N N 22  
DA  "C1'" "H1'"  sing N N 23  
DA  N9    C8     sing Y N 24  
DA  N9    C4     sing Y N 25  
DA  C8    N7     doub Y N 26  
DA  C8    H8     sing N N 27  
DA  N7    C5     sing Y N 28  
DA  C5    C6     sing Y N 29  
DA  C5    C4     doub Y N 30  
DA  C6    N6     sing N N 31  
DA  C6    N1     doub Y N 32  
DA  N6    H61    sing N N 33  
DA  N6    H62    sing N N 34  
DA  N1    C2     sing Y N 35  
DA  C2    N3     doub Y N 36  
DA  C2    H2     sing N N 37  
DA  N3    C4     sing Y N 38  
DC  OP3   P      sing N N 39  
DC  OP3   HOP3   sing N N 40  
DC  P     OP1    doub N N 41  
DC  P     OP2    sing N N 42  
DC  P     "O5'"  sing N N 43  
DC  OP2   HOP2   sing N N 44  
DC  "O5'" "C5'"  sing N N 45  
DC  "C5'" "C4'"  sing N N 46  
DC  "C5'" "H5'"  sing N N 47  
DC  "C5'" "H5''" sing N N 48  
DC  "C4'" "O4'"  sing N N 49  
DC  "C4'" "C3'"  sing N N 50  
DC  "C4'" "H4'"  sing N N 51  
DC  "O4'" "C1'"  sing N N 52  
DC  "C3'" "O3'"  sing N N 53  
DC  "C3'" "C2'"  sing N N 54  
DC  "C3'" "H3'"  sing N N 55  
DC  "O3'" "HO3'" sing N N 56  
DC  "C2'" "C1'"  sing N N 57  
DC  "C2'" "H2'"  sing N N 58  
DC  "C2'" "H2''" sing N N 59  
DC  "C1'" N1     sing N N 60  
DC  "C1'" "H1'"  sing N N 61  
DC  N1    C2     sing N N 62  
DC  N1    C6     sing N N 63  
DC  C2    O2     doub N N 64  
DC  C2    N3     sing N N 65  
DC  N3    C4     doub N N 66  
DC  C4    N4     sing N N 67  
DC  C4    C5     sing N N 68  
DC  N4    H41    sing N N 69  
DC  N4    H42    sing N N 70  
DC  C5    C6     doub N N 71  
DC  C5    H5     sing N N 72  
DC  C6    H6     sing N N 73  
DG  OP3   P      sing N N 74  
DG  OP3   HOP3   sing N N 75  
DG  P     OP1    doub N N 76  
DG  P     OP2    sing N N 77  
DG  P     "O5'"  sing N N 78  
DG  OP2   HOP2   sing N N 79  
DG  "O5'" "C5'"  sing N N 80  
DG  "C5'" "C4'"  sing N N 81  
DG  "C5'" "H5'"  sing N N 82  
DG  "C5'" "H5''" sing N N 83  
DG  "C4'" "O4'"  sing N N 84  
DG  "C4'" "C3'"  sing N N 85  
DG  "C4'" "H4'"  sing N N 86  
DG  "O4'" "C1'"  sing N N 87  
DG  "C3'" "O3'"  sing N N 88  
DG  "C3'" "C2'"  sing N N 89  
DG  "C3'" "H3'"  sing N N 90  
DG  "O3'" "HO3'" sing N N 91  
DG  "C2'" "C1'"  sing N N 92  
DG  "C2'" "H2'"  sing N N 93  
DG  "C2'" "H2''" sing N N 94  
DG  "C1'" N9     sing N N 95  
DG  "C1'" "H1'"  sing N N 96  
DG  N9    C8     sing Y N 97  
DG  N9    C4     sing Y N 98  
DG  C8    N7     doub Y N 99  
DG  C8    H8     sing N N 100 
DG  N7    C5     sing Y N 101 
DG  C5    C6     sing N N 102 
DG  C5    C4     doub Y N 103 
DG  C6    O6     doub N N 104 
DG  C6    N1     sing N N 105 
DG  N1    C2     sing N N 106 
DG  N1    H1     sing N N 107 
DG  C2    N2     sing N N 108 
DG  C2    N3     doub N N 109 
DG  N2    H21    sing N N 110 
DG  N2    H22    sing N N 111 
DG  N3    C4     sing N N 112 
DM7 C1    C2     doub Y N 113 
DM7 C1    C15    sing Y N 114 
DM7 C1    H1     sing N N 115 
DM7 C2    C3     sing Y N 116 
DM7 C2    H2     sing N N 117 
DM7 C3    C4     doub Y N 118 
DM7 C3    H3     sing N N 119 
DM7 C4    C16    sing Y N 120 
DM7 C4    O4     sing N N 121 
DM7 C5    C16    sing N N 122 
DM7 C5    C17    sing N N 123 
DM7 C5    O5     doub N N 124 
DM7 C6    C17    doub Y N 125 
DM7 C6    C19    sing Y N 126 
DM7 C6    O6     sing N N 127 
DM7 C7    C8     sing N N 128 
DM7 C7    C19    sing N N 129 
DM7 C7    O7     sing N N 130 
DM7 C7    H7     sing N N 131 
DM7 C8    C9     sing N N 132 
DM7 C8    H81    sing N N 133 
DM7 C8    H82    sing N N 134 
DM7 C9    C10    sing N N 135 
DM7 C9    C13    sing N N 136 
DM7 C9    O9     sing N N 137 
DM7 C10   C20    sing N N 138 
DM7 C10   H101   sing N N 139 
DM7 C10   H102   sing N N 140 
DM7 C11   C18    doub Y N 141 
DM7 C11   C20    sing Y N 142 
DM7 C11   O11    sing N N 143 
DM7 C12   C15    sing N N 144 
DM7 C12   C18    sing N N 145 
DM7 C12   O12    doub N N 146 
DM7 C13   C14    sing N N 147 
DM7 C13   O13    doub N N 148 
DM7 C14   O14    sing N N 149 
DM7 C14   H141   sing N N 150 
DM7 C14   H142   sing N N 151 
DM7 C15   C16    doub Y N 152 
DM7 C17   C18    sing Y N 153 
DM7 C19   C20    doub Y N 154 
DM7 C21   O4     sing N N 155 
DM7 C21   H211   sing N N 156 
DM7 C21   H212   sing N N 157 
DM7 C21   H213   sing N N 158 
DM7 O6    HO6    sing N N 159 
DM7 O7    "C1'"  sing N N 160 
DM7 O9    HO9    sing N N 161 
DM7 O11   HO11   sing N N 162 
DM7 O14   HO14   sing N N 163 
DM7 "C1'" "C2'"  sing N N 164 
DM7 "C1'" "O5'"  sing N N 165 
DM7 "C1'" "H1'"  sing N N 166 
DM7 "C2'" "C3'"  sing N N 167 
DM7 "C2'" "H2'1" sing N N 168 
DM7 "C2'" "H2'2" sing N N 169 
DM7 "C3'" "C4'"  sing N N 170 
DM7 "C3'" "N3'"  sing N N 171 
DM7 "C3'" "H3'"  sing N N 172 
DM7 "C4'" "C5'"  sing N N 173 
DM7 "C4'" "I4'"  sing N N 174 
DM7 "C4'" "H4'"  sing N N 175 
DM7 "C5'" "C6'"  sing N N 176 
DM7 "C5'" "O5'"  sing N N 177 
DM7 "C5'" "H5'"  sing N N 178 
DM7 "C6'" "H6'1" sing N N 179 
DM7 "C6'" "H6'2" sing N N 180 
DM7 "C6'" "H6'3" sing N N 181 
DM7 "N3'" "HN'1" sing N N 182 
DM7 "N3'" "HN'2" sing N N 183 
DM7 "N3'" "HN'3" sing N N 184 
DT  OP3   P      sing N N 185 
DT  OP3   HOP3   sing N N 186 
DT  P     OP1    doub N N 187 
DT  P     OP2    sing N N 188 
DT  P     "O5'"  sing N N 189 
DT  OP2   HOP2   sing N N 190 
DT  "O5'" "C5'"  sing N N 191 
DT  "C5'" "C4'"  sing N N 192 
DT  "C5'" "H5'"  sing N N 193 
DT  "C5'" "H5''" sing N N 194 
DT  "C4'" "O4'"  sing N N 195 
DT  "C4'" "C3'"  sing N N 196 
DT  "C4'" "H4'"  sing N N 197 
DT  "O4'" "C1'"  sing N N 198 
DT  "C3'" "O3'"  sing N N 199 
DT  "C3'" "C2'"  sing N N 200 
DT  "C3'" "H3'"  sing N N 201 
DT  "O3'" "HO3'" sing N N 202 
DT  "C2'" "C1'"  sing N N 203 
DT  "C2'" "H2'"  sing N N 204 
DT  "C2'" "H2''" sing N N 205 
DT  "C1'" N1     sing N N 206 
DT  "C1'" "H1'"  sing N N 207 
DT  N1    C2     sing N N 208 
DT  N1    C6     sing N N 209 
DT  C2    O2     doub N N 210 
DT  C2    N3     sing N N 211 
DT  N3    C4     sing N N 212 
DT  N3    H3     sing N N 213 
DT  C4    O4     doub N N 214 
DT  C4    C5     sing N N 215 
DT  C5    C7     sing N N 216 
DT  C5    C6     doub N N 217 
DT  C7    H71    sing N N 218 
DT  C7    H72    sing N N 219 
DT  C7    H73    sing N N 220 
DT  C6    H6     sing N N 221 
HOH O     H1     sing N N 222 
HOH O     H2     sing N N 223 
# 
_ndb_struct_conf_na.entry_id   1IMS 
_ndb_struct_conf_na.feature    'b-form double helix' 
# 
loop_
_ndb_struct_na_base_pair.model_number 
_ndb_struct_na_base_pair.i_label_asym_id 
_ndb_struct_na_base_pair.i_label_comp_id 
_ndb_struct_na_base_pair.i_label_seq_id 
_ndb_struct_na_base_pair.i_symmetry 
_ndb_struct_na_base_pair.j_label_asym_id 
_ndb_struct_na_base_pair.j_label_comp_id 
_ndb_struct_na_base_pair.j_label_seq_id 
_ndb_struct_na_base_pair.j_symmetry 
_ndb_struct_na_base_pair.shear 
_ndb_struct_na_base_pair.stretch 
_ndb_struct_na_base_pair.stagger 
_ndb_struct_na_base_pair.buckle 
_ndb_struct_na_base_pair.propeller 
_ndb_struct_na_base_pair.opening 
_ndb_struct_na_base_pair.pair_number 
_ndb_struct_na_base_pair.pair_name 
_ndb_struct_na_base_pair.i_auth_asym_id 
_ndb_struct_na_base_pair.i_auth_seq_id 
_ndb_struct_na_base_pair.i_PDB_ins_code 
_ndb_struct_na_base_pair.j_auth_asym_id 
_ndb_struct_na_base_pair.j_auth_seq_id 
_ndb_struct_na_base_pair.j_PDB_ins_code 
_ndb_struct_na_base_pair.hbond_type_28 
_ndb_struct_na_base_pair.hbond_type_12 
1 A DC 1 1_555 A DG 6 8_665 0.135  -0.268 -0.032 8.123   2.056  -2.013 1 A_DC1:DG6_A A 1 ? A 6 ? 19 1 
1 A DG 2 1_555 A DC 5 8_665 -0.210 -0.077 -0.368 -16.680 1.241  2.181  2 A_DG2:DC5_A A 2 ? A 5 ? 19 1 
1 A DA 3 1_555 A DT 4 8_665 0.091  -0.185 0.037  -6.921  -2.226 2.506  3 A_DA3:DT4_A A 3 ? A 4 ? 20 1 
1 A DT 4 1_555 A DA 3 8_665 -0.091 -0.185 0.037  6.921   -2.226 2.506  4 A_DT4:DA3_A A 4 ? A 3 ? 20 1 
1 A DC 5 1_555 A DG 2 8_665 0.210  -0.077 -0.368 16.680  1.241  2.181  5 A_DC5:DG2_A A 5 ? A 2 ? 19 1 
1 A DG 6 1_555 A DC 1 8_665 -0.135 -0.268 -0.032 -8.123  2.056  -2.013 6 A_DG6:DC1_A A 6 ? A 1 ? 19 1 
# 
loop_
_ndb_struct_na_base_pair_step.model_number 
_ndb_struct_na_base_pair_step.i_label_asym_id_1 
_ndb_struct_na_base_pair_step.i_label_comp_id_1 
_ndb_struct_na_base_pair_step.i_label_seq_id_1 
_ndb_struct_na_base_pair_step.i_symmetry_1 
_ndb_struct_na_base_pair_step.j_label_asym_id_1 
_ndb_struct_na_base_pair_step.j_label_comp_id_1 
_ndb_struct_na_base_pair_step.j_label_seq_id_1 
_ndb_struct_na_base_pair_step.j_symmetry_1 
_ndb_struct_na_base_pair_step.i_label_asym_id_2 
_ndb_struct_na_base_pair_step.i_label_comp_id_2 
_ndb_struct_na_base_pair_step.i_label_seq_id_2 
_ndb_struct_na_base_pair_step.i_symmetry_2 
_ndb_struct_na_base_pair_step.j_label_asym_id_2 
_ndb_struct_na_base_pair_step.j_label_comp_id_2 
_ndb_struct_na_base_pair_step.j_label_seq_id_2 
_ndb_struct_na_base_pair_step.j_symmetry_2 
_ndb_struct_na_base_pair_step.shift 
_ndb_struct_na_base_pair_step.slide 
_ndb_struct_na_base_pair_step.rise 
_ndb_struct_na_base_pair_step.tilt 
_ndb_struct_na_base_pair_step.roll 
_ndb_struct_na_base_pair_step.twist 
_ndb_struct_na_base_pair_step.x_displacement 
_ndb_struct_na_base_pair_step.y_displacement 
_ndb_struct_na_base_pair_step.helical_rise 
_ndb_struct_na_base_pair_step.inclination 
_ndb_struct_na_base_pair_step.tip 
_ndb_struct_na_base_pair_step.helical_twist 
_ndb_struct_na_base_pair_step.step_number 
_ndb_struct_na_base_pair_step.step_name 
_ndb_struct_na_base_pair_step.i_auth_asym_id_1 
_ndb_struct_na_base_pair_step.i_auth_seq_id_1 
_ndb_struct_na_base_pair_step.i_PDB_ins_code_1 
_ndb_struct_na_base_pair_step.j_auth_asym_id_1 
_ndb_struct_na_base_pair_step.j_auth_seq_id_1 
_ndb_struct_na_base_pair_step.j_PDB_ins_code_1 
_ndb_struct_na_base_pair_step.i_auth_asym_id_2 
_ndb_struct_na_base_pair_step.i_auth_seq_id_2 
_ndb_struct_na_base_pair_step.i_PDB_ins_code_2 
_ndb_struct_na_base_pair_step.j_auth_asym_id_2 
_ndb_struct_na_base_pair_step.j_auth_seq_id_2 
_ndb_struct_na_base_pair_step.j_PDB_ins_code_2 
1 A DC 1 1_555 A DG 6 8_665 A DG 2 1_555 A DC 5 8_665 1.365  1.170  7.001 1.994  -1.528 33.476 2.562  -1.663 7.010 -2.647 -3.457 
33.568 1 AA_DC1DG2:DC5DG6_AA A 1 ? A 6 ? A 2 ? A 5 ? 
1 A DG 2 1_555 A DC 5 8_665 A DA 3 1_555 A DT 4 8_665 -1.482 0.638  3.110 -5.000 1.260  31.950 0.925  1.786  3.319 2.270  9.009  
32.352 2 AA_DG2DA3:DT4DC5_AA A 2 ? A 5 ? A 3 ? A 4 ? 
1 A DA 3 1_555 A DT 4 8_665 A DT 4 1_555 A DA 3 8_665 0.000  -0.681 3.067 0.000  -0.394 32.514 -1.151 0.000  3.075 -0.703 0.000  
32.517 3 AA_DA3DT4:DA3DT4_AA A 3 ? A 4 ? A 4 ? A 3 ? 
1 A DT 4 1_555 A DA 3 8_665 A DC 5 1_555 A DG 2 8_665 1.482  0.638  3.110 5.000  1.260  31.950 0.925  -1.786 3.319 2.270  -9.009 
32.352 4 AA_DT4DC5:DG2DA3_AA A 4 ? A 3 ? A 5 ? A 2 ? 
1 A DC 5 1_555 A DG 2 8_665 A DG 6 1_555 A DC 1 8_665 -1.365 1.170  7.001 -1.994 -1.528 33.476 2.562  1.663  7.010 -2.647 3.457  
33.568 5 AA_DC5DG6:DC1DG2_AA A 5 ? A 2 ? A 6 ? A 1 ? 
# 
_atom_sites.entry_id                    1IMS 
_atom_sites.fract_transf_matrix[1][1]   -0.00979896 
_atom_sites.fract_transf_matrix[1][2]   0.02653919 
_atom_sites.fract_transf_matrix[1][3]   -0.02236336 
_atom_sites.fract_transf_matrix[2][1]   -0.00174630 
_atom_sites.fract_transf_matrix[2][2]   -0.02358529 
_atom_sites.fract_transf_matrix[2][3]   -0.02722412 
_atom_sites.fract_transf_matrix[3][1]   -0.01831098 
_atom_sites.fract_transf_matrix[3][2]   -0.00333587 
_atom_sites.fract_transf_matrix[3][3]   0.00406456 
_atom_sites.fract_transf_vector[1]      0.580258 
_atom_sites.fract_transf_vector[2]      0.537597 
_atom_sites.fract_transf_vector[3]      0.217534 
# 
loop_
_atom_type.symbol 
C 
H 
I 
N 
O 
P 
# 
loop_
_atom_site.group_PDB 
_atom_site.id 
_atom_site.type_symbol 
_atom_site.label_atom_id 
_atom_site.label_alt_id 
_atom_site.label_comp_id 
_atom_site.label_asym_id 
_atom_site.label_entity_id 
_atom_site.label_seq_id 
_atom_site.pdbx_PDB_ins_code 
_atom_site.Cartn_x 
_atom_site.Cartn_y 
_atom_site.Cartn_z 
_atom_site.occupancy 
_atom_site.B_iso_or_equiv 
_atom_site.pdbx_formal_charge 
_atom_site.auth_seq_id 
_atom_site.auth_comp_id 
_atom_site.auth_asym_id 
_atom_site.auth_atom_id 
_atom_site.pdbx_PDB_model_num 
ATOM   1   O "O5'"  . DC  A 1 1 ? -9.125  -9.974  3.081  1.00 27.37 ? 1  DC  A "O5'"  1 
ATOM   2   C "C5'"  . DC  A 1 1 ? -9.910  -10.697 2.143  1.00 18.32 ? 1  DC  A "C5'"  1 
ATOM   3   C "C4'"  . DC  A 1 1 ? -10.822 -9.793  1.267  1.00 16.75 ? 1  DC  A "C4'"  1 
ATOM   4   O "O4'"  . DC  A 1 1 ? -11.734 -9.038  2.081  1.00 15.72 ? 1  DC  A "O4'"  1 
ATOM   5   C "C3'"  . DC  A 1 1 ? -9.969  -8.769  0.484  1.00 17.75 ? 1  DC  A "C3'"  1 
ATOM   6   O "O3'"  . DC  A 1 1 ? -10.651 -8.507  -0.711 1.00 17.78 ? 1  DC  A "O3'"  1 
ATOM   7   C "C2'"  . DC  A 1 1 ? -10.052 -7.530  1.402  1.00 17.58 ? 1  DC  A "C2'"  1 
ATOM   8   C "C1'"  . DC  A 1 1 ? -11.482 -7.639  2.024  1.00 13.65 ? 1  DC  A "C1'"  1 
ATOM   9   N N1     . DC  A 1 1 ? -11.434 -7.045  3.364  1.00 9.09  ? 1  DC  A N1     1 
ATOM   10  C C2     . DC  A 1 1 ? -11.782 -5.683  3.496  1.00 4.54  ? 1  DC  A C2     1 
ATOM   11  O O2     . DC  A 1 1 ? -12.141 -5.019  2.534  1.00 9.51  ? 1  DC  A O2     1 
ATOM   12  N N3     . DC  A 1 1 ? -11.700 -5.129  4.723  1.00 9.41  ? 1  DC  A N3     1 
ATOM   13  C C4     . DC  A 1 1 ? -11.304 -5.862  5.766  1.00 6.26  ? 1  DC  A C4     1 
ATOM   14  N N4     . DC  A 1 1 ? -11.215 -5.304  6.951  1.00 9.68  ? 1  DC  A N4     1 
ATOM   15  C C5     . DC  A 1 1 ? -10.951 -7.247  5.657  1.00 14.03 ? 1  DC  A C5     1 
ATOM   16  C C6     . DC  A 1 1 ? -11.032 -7.794  4.434  1.00 9.51  ? 1  DC  A C6     1 
ATOM   17  H H41    . DC  A 1 1 ? -10.914 -5.860  7.734  0.00 11.00 ? 1  DC  A H41    1 
ATOM   18  H H42    . DC  A 1 1 ? -11.441 -4.330  7.079  0.00 11.00 ? 1  DC  A H42    1 
ATOM   19  H "HO5'" . DC  A 1 1 ? -8.548  -10.607 3.510  0.00 11.00 ? 1  DC  A "HO5'" 1 
ATOM   20  P P      . DG  A 1 2 ? -9.890  -8.740  -2.085 1.00 19.66 ? 2  DG  A P      1 
ATOM   21  O OP1    . DG  A 1 2 ? -10.907 -8.652  -3.160 1.00 27.49 ? 2  DG  A OP1    1 
ATOM   22  O OP2    . DG  A 1 2 ? -9.028  -9.932  -1.985 1.00 21.64 ? 2  DG  A OP2    1 
ATOM   23  O "O5'"  . DG  A 1 2 ? -8.952  -7.436  -2.082 1.00 14.13 ? 2  DG  A "O5'"  1 
ATOM   24  C "C5'"  . DG  A 1 2 ? -9.453  -6.163  -2.424 1.00 14.07 ? 2  DG  A "C5'"  1 
ATOM   25  C "C4'"  . DG  A 1 2 ? -8.354  -5.109  -2.192 1.00 18.67 ? 2  DG  A "C4'"  1 
ATOM   26  O "O4'"  . DG  A 1 2 ? -8.030  -5.036  -0.806 1.00 16.18 ? 2  DG  A "O4'"  1 
ATOM   27  C "C3'"  . DG  A 1 2 ? -7.038  -5.491  -2.960 1.00 15.18 ? 2  DG  A "C3'"  1 
ATOM   28  O "O3'"  . DG  A 1 2 ? -6.508  -4.285  -3.484 1.00 17.66 ? 2  DG  A "O3'"  1 
ATOM   29  C "C2'"  . DG  A 1 2 ? -6.159  -6.010  -1.850 1.00 12.63 ? 2  DG  A "C2'"  1 
ATOM   30  C "C1'"  . DG  A 1 2 ? -6.611  -5.050  -0.757 1.00 11.24 ? 2  DG  A "C1'"  1 
ATOM   31  N N9     . DG  A 1 2 ? -6.164  -5.438  0.586  1.00 10.49 ? 2  DG  A N9     1 
ATOM   32  C C8     . DG  A 1 2 ? -5.831  -6.655  1.120  1.00 9.72  ? 2  DG  A C8     1 
ATOM   33  N N7     . DG  A 1 2 ? -5.433  -6.562  2.354  1.00 12.20 ? 2  DG  A N7     1 
ATOM   34  C C5     . DG  A 1 2 ? -5.507  -5.201  2.655  1.00 9.90  ? 2  DG  A C5     1 
ATOM   35  C C6     . DG  A 1 2 ? -5.204  -4.485  3.845  1.00 7.51  ? 2  DG  A C6     1 
ATOM   36  O O6     . DG  A 1 2 ? -4.772  -4.887  4.931  1.00 11.46 ? 2  DG  A O6     1 
ATOM   37  N N1     . DG  A 1 2 ? -5.444  -3.131  3.691  1.00 7.82  ? 2  DG  A N1     1 
ATOM   38  C C2     . DG  A 1 2 ? -5.909  -2.526  2.555  1.00 8.55  ? 2  DG  A C2     1 
ATOM   39  N N2     . DG  A 1 2 ? -6.079  -1.212  2.601  1.00 8.47  ? 2  DG  A N2     1 
ATOM   40  N N3     . DG  A 1 2 ? -6.185  -3.187  1.449  1.00 11.01 ? 2  DG  A N3     1 
ATOM   41  C C4     . DG  A 1 2 ? -5.962  -4.518  1.569  1.00 9.66  ? 2  DG  A C4     1 
ATOM   42  H H1     . DG  A 1 2 ? -5.256  -2.555  4.501  0.00 11.00 ? 2  DG  A H1     1 
ATOM   43  H H21    . DG  A 1 2 ? -6.434  -0.722  1.794  0.00 11.00 ? 2  DG  A H21    1 
ATOM   44  H H22    . DG  A 1 2 ? -5.863  -0.705  3.443  0.00 11.00 ? 2  DG  A H22    1 
ATOM   45  P P      . DA  A 1 3 ? -6.110  -4.203  -5.031 1.00 19.50 ? 3  DA  A P      1 
ATOM   46  O OP1    . DA  A 1 3 ? -7.283  -4.520  -5.863 1.00 26.76 ? 3  DA  A OP1    1 
ATOM   47  O OP2    . DA  A 1 3 ? -4.851  -4.946  -5.203 1.00 22.82 ? 3  DA  A OP2    1 
ATOM   48  O "O5'"  . DA  A 1 3 ? -5.812  -2.684  -5.230 1.00 14.47 ? 3  DA  A "O5'"  1 
ATOM   49  C "C5'"  . DA  A 1 3 ? -6.856  -1.745  -5.053 1.00 13.90 ? 3  DA  A "C5'"  1 
ATOM   50  C "C4'"  . DA  A 1 3 ? -6.359  -0.514  -4.257 1.00 10.42 ? 3  DA  A "C4'"  1 
ATOM   51  O "O4'"  . DA  A 1 3 ? -6.026  -0.879  -2.888 1.00 13.02 ? 3  DA  A "O4'"  1 
ATOM   52  C "C3'"  . DA  A 1 3 ? -5.047  0.030   -4.874 1.00 14.22 ? 3  DA  A "C3'"  1 
ATOM   53  O "O3'"  . DA  A 1 3 ? -5.183  1.420   -4.776 1.00 12.37 ? 3  DA  A "O3'"  1 
ATOM   54  C "C2'"  . DA  A 1 3 ? -3.977  -0.517  -3.926 1.00 7.27  ? 3  DA  A "C2'"  1 
ATOM   55  C "C1'"  . DA  A 1 3 ? -4.678  -0.461  -2.581 1.00 10.81 ? 3  DA  A "C1'"  1 
ATOM   56  N N9     . DA  A 1 3 ? -4.128  -1.414  -1.636 1.00 10.19 ? 3  DA  A N9     1 
ATOM   57  C C8     . DA  A 1 3 ? -3.930  -2.751  -1.801 1.00 10.34 ? 3  DA  A C8     1 
ATOM   58  N N7     . DA  A 1 3 ? -3.429  -3.343  -0.761 1.00 11.11 ? 3  DA  A N7     1 
ATOM   59  C C5     . DA  A 1 3 ? -3.284  -2.327  0.162  1.00 7.11  ? 3  DA  A C5     1 
ATOM   60  C C6     . DA  A 1 3 ? -2.792  -2.315  1.481  1.00 6.87  ? 3  DA  A C6     1 
ATOM   61  N N6     . DA  A 1 3 ? -2.354  -3.392  2.118  1.00 8.60  ? 3  DA  A N6     1 
ATOM   62  N N1     . DA  A 1 3 ? -2.788  -1.134  2.107  1.00 13.23 ? 3  DA  A N1     1 
ATOM   63  C C2     . DA  A 1 3 ? -3.231  -0.058  1.474  1.00 8.96  ? 3  DA  A C2     1 
ATOM   64  N N3     . DA  A 1 3 ? -3.718  0.062   0.246  1.00 11.03 ? 3  DA  A N3     1 
ATOM   65  C C4     . DA  A 1 3 ? -3.713  -1.139  -0.360 1.00 9.10  ? 3  DA  A C4     1 
ATOM   66  H H61    . DA  A 1 3 ? -2.353  -4.288  1.666  0.00 11.00 ? 3  DA  A H61    1 
ATOM   67  H H62    . DA  A 1 3 ? -2.022  -3.292  3.061  0.00 11.00 ? 3  DA  A H62    1 
ATOM   68  P P      . DT  A 1 4 ? -4.203  2.459   -5.469 1.00 14.05 ? 4  DT  A P      1 
ATOM   69  O OP1    . DT  A 1 4 ? -5.026  3.560   -5.995 1.00 16.84 ? 4  DT  A OP1    1 
ATOM   70  O OP2    . DT  A 1 4 ? -3.302  1.711   -6.373 1.00 15.87 ? 4  DT  A OP2    1 
ATOM   71  O "O5'"  . DT  A 1 4 ? -3.385  2.909   -4.190 1.00 12.60 ? 4  DT  A "O5'"  1 
ATOM   72  C "C5'"  . DT  A 1 4 ? -3.939  3.820   -3.246 1.00 9.86  ? 4  DT  A "C5'"  1 
ATOM   73  C "C4'"  . DT  A 1 4 ? -2.921  4.158   -2.189 1.00 10.35 ? 4  DT  A "C4'"  1 
ATOM   74  O "O4'"  . DT  A 1 4 ? -2.513  3.010   -1.451 1.00 14.23 ? 4  DT  A "O4'"  1 
ATOM   75  C "C3'"  . DT  A 1 4 ? -1.666  4.701   -2.930 1.00 16.51 ? 4  DT  A "C3'"  1 
ATOM   76  O "O3'"  . DT  A 1 4 ? -1.439  5.932   -2.315 1.00 17.70 ? 4  DT  A "O3'"  1 
ATOM   77  C "C2'"  . DT  A 1 4 ? -0.591  3.653   -2.618 1.00 14.44 ? 4  DT  A "C2'"  1 
ATOM   78  C "C1'"  . DT  A 1 4 ? -1.080  3.039   -1.290 1.00 10.08 ? 4  DT  A "C1'"  1 
ATOM   79  N N1     . DT  A 1 4 ? -0.715  1.636   -1.047 1.00 9.52  ? 4  DT  A N1     1 
ATOM   80  C C2     . DT  A 1 4 ? -0.351  1.326   0.256  1.00 5.69  ? 4  DT  A C2     1 
ATOM   81  O O2     . DT  A 1 4 ? -0.295  2.147   1.167  1.00 10.41 ? 4  DT  A O2     1 
ATOM   82  N N3     . DT  A 1 4 ? -0.056  0.020   0.465  1.00 9.79  ? 4  DT  A N3     1 
ATOM   83  C C4     . DT  A 1 4 ? -0.083  -1.000  -0.463 1.00 5.80  ? 4  DT  A C4     1 
ATOM   84  O O4     . DT  A 1 4 ? 0.203   -2.148  -0.136 1.00 9.81  ? 4  DT  A O4     1 
ATOM   85  C C5     . DT  A 1 4 ? -0.468  -0.580  -1.806 1.00 8.35  ? 4  DT  A C5     1 
ATOM   86  C C7     . DT  A 1 4 ? -0.520  -1.617  -2.968 1.00 10.01 ? 4  DT  A C7     1 
ATOM   87  C C6     . DT  A 1 4 ? -0.766  0.701   -2.036 1.00 8.01  ? 4  DT  A C6     1 
ATOM   88  H H3     . DT  A 1 4 ? 0.215   -0.224  1.408  0.00 11.00 ? 4  DT  A H3     1 
ATOM   89  P P      . DC  A 1 5 ? -0.422  6.986   -2.930 1.00 15.74 ? 5  DC  A P      1 
ATOM   90  O OP1    . DC  A 1 5 ? -0.877  8.315   -2.446 1.00 21.23 ? 5  DC  A OP1    1 
ATOM   91  O OP2    . DC  A 1 5 ? -0.239  6.728   -4.358 1.00 13.22 ? 5  DC  A OP2    1 
ATOM   92  O "O5'"  . DC  A 1 5 ? 0.950   6.617   -2.206 1.00 12.38 ? 5  DC  A "O5'"  1 
ATOM   93  C "C5'"  . DC  A 1 5 ? 1.194   6.952   -0.845 1.00 7.87  ? 5  DC  A "C5'"  1 
ATOM   94  C "C4'"  . DC  A 1 5 ? 2.384   6.145   -0.368 1.00 13.11 ? 5  DC  A "C4'"  1 
ATOM   95  O "O4'"  . DC  A 1 5 ? 2.060   4.751   -0.422 1.00 12.93 ? 5  DC  A "O4'"  1 
ATOM   96  C "C3'"  . DC  A 1 5 ? 3.588   6.403   -1.336 1.00 15.22 ? 5  DC  A "C3'"  1 
ATOM   97  O "O3'"  . DC  A 1 5 ? 4.763   6.564   -0.555 1.00 20.27 ? 5  DC  A "O3'"  1 
ATOM   98  C "C2'"  . DC  A 1 5 ? 3.619   5.086   -2.092 1.00 14.73 ? 5  DC  A "C2'"  1 
ATOM   99  C "C1'"  . DC  A 1 5 ? 3.152   4.161   -0.980 1.00 11.04 ? 5  DC  A "C1'"  1 
ATOM   100 N N1     . DC  A 1 5 ? 2.913   2.783   -1.472 1.00 9.82  ? 5  DC  A N1     1 
ATOM   101 C C2     . DC  A 1 5 ? 3.031   1.801   -0.512 1.00 7.52  ? 5  DC  A C2     1 
ATOM   102 O O2     . DC  A 1 5 ? 3.159   2.076   0.676  1.00 12.29 ? 5  DC  A O2     1 
ATOM   103 N N3     . DC  A 1 5 ? 2.976   0.515   -0.885 1.00 8.26  ? 5  DC  A N3     1 
ATOM   104 C C4     . DC  A 1 5 ? 2.795   0.174   -2.143 1.00 7.04  ? 5  DC  A C4     1 
ATOM   105 N N4     . DC  A 1 5 ? 2.826   -1.117  -2.409 1.00 7.03  ? 5  DC  A N4     1 
ATOM   106 C C5     . DC  A 1 5 ? 2.626   1.141   -3.158 1.00 9.77  ? 5  DC  A C5     1 
ATOM   107 C C6     . DC  A 1 5 ? 2.698   2.441   -2.780 1.00 8.89  ? 5  DC  A C6     1 
ATOM   108 H H41    . DC  A 1 5 ? 2.742   -1.430  -3.361 0.00 11.00 ? 5  DC  A H41    1 
ATOM   109 H H42    . DC  A 1 5 ? 2.914   -1.778  -1.651 0.00 11.00 ? 5  DC  A H42    1 
ATOM   110 P P      . DG  A 1 6 ? 5.458   8.011   -0.463 1.00 17.60 ? 6  DG  A P      1 
ATOM   111 O OP1    . DG  A 1 6 ? 4.539   8.997   0.153  1.00 25.90 ? 6  DG  A OP1    1 
ATOM   112 O OP2    . DG  A 1 6 ? 6.104   8.298   -1.751 1.00 18.14 ? 6  DG  A OP2    1 
ATOM   113 O "O5'"  . DG  A 1 6 ? 6.567   7.643   0.592  1.00 11.52 ? 6  DG  A "O5'"  1 
ATOM   114 C "C5'"  . DG  A 1 6 ? 6.233   7.616   1.963  1.00 13.92 ? 6  DG  A "C5'"  1 
ATOM   115 C "C4'"  . DG  A 1 6 ? 7.457   7.418   2.828  1.00 10.61 ? 6  DG  A "C4'"  1 
ATOM   116 O "O4'"  . DG  A 1 6 ? 8.068   6.158   2.512  1.00 16.97 ? 6  DG  A "O4'"  1 
ATOM   117 C "C3'"  . DG  A 1 6 ? 8.513   8.488   2.572  1.00 8.13  ? 6  DG  A "C3'"  1 
ATOM   118 O "O3'"  . DG  A 1 6 ? 9.245   8.637   3.784  1.00 12.77 ? 6  DG  A "O3'"  1 
ATOM   119 C "C2'"  . DG  A 1 6 ? 9.393   7.857   1.456  1.00 9.59  ? 6  DG  A "C2'"  1 
ATOM   120 C "C1'"  . DG  A 1 6 ? 9.310   6.345   1.792  1.00 12.76 ? 6  DG  A "C1'"  1 
ATOM   121 N N9     . DG  A 1 6 ? 9.243   5.467   0.620  1.00 9.39  ? 6  DG  A N9     1 
ATOM   122 C C8     . DG  A 1 6 ? 8.855   5.706   -0.663 1.00 9.56  ? 6  DG  A C8     1 
ATOM   123 N N7     . DG  A 1 6 ? 8.916   4.660   -1.419 1.00 14.21 ? 6  DG  A N7     1 
ATOM   124 C C5     . DG  A 1 6 ? 9.379   3.655   -0.586 1.00 8.50  ? 6  DG  A C5     1 
ATOM   125 C C6     . DG  A 1 6 ? 9.629   2.282   -0.863 1.00 4.36  ? 6  DG  A C6     1 
ATOM   126 O O6     . DG  A 1 6 ? 9.489   1.694   -1.926 1.00 12.42 ? 6  DG  A O6     1 
ATOM   127 N N1     . DG  A 1 6 ? 10.061  1.612   0.260  1.00 9.21  ? 6  DG  A N1     1 
ATOM   128 C C2     . DG  A 1 6 ? 10.237  2.173   1.498  1.00 5.77  ? 6  DG  A C2     1 
ATOM   129 N N2     . DG  A 1 6 ? 10.650  1.376   2.472  1.00 11.40 ? 6  DG  A N2     1 
ATOM   130 N N3     . DG  A 1 6 ? 10.005  3.464   1.760  1.00 11.80 ? 6  DG  A N3     1 
ATOM   131 C C4     . DG  A 1 6 ? 9.580   4.138   0.668  1.00 7.70  ? 6  DG  A C4     1 
ATOM   132 H "HO3'" . DG  A 1 6 ? 9.617   7.780   3.994  0.00 11.00 ? 6  DG  A "HO3'" 1 
ATOM   133 H H1     . DG  A 1 6 ? 10.260  0.628   0.148  0.00 11.00 ? 6  DG  A H1     1 
ATOM   134 H H21    . DG  A 1 6 ? 10.744  1.755   3.406  0.00 11.00 ? 6  DG  A H21    1 
ATOM   135 H H22    . DG  A 1 6 ? 10.875  0.409   2.299  0.00 11.00 ? 6  DG  A H22    1 
HETATM 136 C C1     . DM7 B 2 . ? 6.413   -1.742  -3.369 1.00 14.80 ? 7  DM7 A C1     1 
HETATM 137 C C2     . DM7 B 2 . ? 6.067   -1.383  -4.664 1.00 12.10 ? 7  DM7 A C2     1 
HETATM 138 C C3     . DM7 B 2 . ? 5.792   -0.014  -4.882 1.00 16.79 ? 7  DM7 A C3     1 
HETATM 139 C C4     . DM7 B 2 . ? 5.851   0.949   -3.888 1.00 6.28  ? 7  DM7 A C4     1 
HETATM 140 C C5     . DM7 B 2 . ? 6.271   1.437   -1.526 1.00 6.19  ? 7  DM7 A C5     1 
HETATM 141 C C6     . DM7 B 2 . ? 6.684   1.910   0.813  1.00 4.57  ? 7  DM7 A C6     1 
HETATM 142 C C7     . DM7 B 2 . ? 7.064   2.433   3.192  1.00 11.27 ? 7  DM7 A C7     1 
HETATM 143 C C8     . DM7 B 2 . ? 7.618   2.039   4.524  1.00 7.47  ? 7  DM7 A C8     1 
HETATM 144 C C9     . DM7 B 2 . ? 7.113   0.597   4.823  1.00 16.70 ? 7  DM7 A C9     1 
HETATM 145 C C10    . DM7 B 2 . ? 7.681   -0.310  3.687  1.00 11.32 ? 7  DM7 A C10    1 
HETATM 146 C C11    . DM7 B 2 . ? 7.251   -0.769  1.277  1.00 5.79  ? 7  DM7 A C11    1 
HETATM 147 C C12    . DM7 B 2 . ? 6.817   -1.229  -1.092 1.00 5.40  ? 7  DM7 A C12    1 
HETATM 148 C C13    . DM7 B 2 . ? 7.802   0.213   6.142  1.00 16.12 ? 7  DM7 A C13    1 
HETATM 149 C C14    . DM7 B 2 . ? 7.092   0.341   7.415  1.00 16.70 ? 7  DM7 A C14    1 
HETATM 150 C C15    . DM7 B 2 . ? 6.469   -0.772  -2.361 1.00 9.83  ? 7  DM7 A C15    1 
HETATM 151 C C16    . DM7 B 2 . ? 6.192   0.571   -2.589 1.00 10.30 ? 7  DM7 A C16    1 
HETATM 152 C C17    . DM7 B 2 . ? 6.611   1.030   -0.247 1.00 8.76  ? 7  DM7 A C17    1 
HETATM 153 C C18    . DM7 B 2 . ? 6.891   -0.334  -0.021 1.00 4.87  ? 7  DM7 A C18    1 
HETATM 154 C C19    . DM7 B 2 . ? 7.036   1.441   2.111  1.00 8.88  ? 7  DM7 A C19    1 
HETATM 155 C C20    . DM7 B 2 . ? 7.324   0.101   2.357  1.00 7.72  ? 7  DM7 A C20    1 
HETATM 156 C C21    . DM7 B 2 . ? 5.195   2.751   -5.504 1.00 15.19 ? 7  DM7 A C21    1 
HETATM 157 O O4     . DM7 B 2 . ? 5.567   2.274   -4.186 1.00 13.21 ? 7  DM7 A O4     1 
HETATM 158 O O5     . DM7 B 2 . ? 6.016   2.767   -1.695 1.00 14.26 ? 7  DM7 A O5     1 
HETATM 159 O O6     . DM7 B 2 . ? 6.413   3.281   0.693  1.00 9.89  ? 7  DM7 A O6     1 
HETATM 160 O O7     . DM7 B 2 . ? 5.737   2.853   3.306  1.00 13.76 ? 7  DM7 A O7     1 
HETATM 161 O O9     . DM7 B 2 . ? 5.689   0.168   5.035  1.00 13.62 ? 7  DM7 A O9     1 
HETATM 162 O O11    . DM7 B 2 . ? 7.533   -2.124  1.539  1.00 14.60 ? 7  DM7 A O11    1 
HETATM 163 O O12    . DM7 B 2 . ? 7.074   -2.550  -0.925 1.00 12.79 ? 7  DM7 A O12    1 
HETATM 164 O O13    . DM7 B 2 . ? 9.174   -0.169  6.070  1.00 18.06 ? 7  DM7 A O13    1 
HETATM 165 O O14    . DM7 B 2 . ? 7.792   -0.186  8.523  1.00 21.53 ? 7  DM7 A O14    1 
HETATM 166 C "C1'"  . DM7 B 2 . ? 5.169   4.064   3.749  1.00 9.36  ? 7  DM7 A "C1'"  1 
HETATM 167 C "C2'"  . DM7 B 2 . ? 3.927   4.503   2.953  1.00 6.48  ? 7  DM7 A "C2'"  1 
HETATM 168 C "C3'"  . DM7 B 2 . ? 2.788   3.583   3.435  1.00 13.90 ? 7  DM7 A "C3'"  1 
HETATM 169 C "C4'"  . DM7 B 2 . ? 2.620   3.676   4.989  1.00 8.25  ? 7  DM7 A "C4'"  1 
HETATM 170 C "C5'"  . DM7 B 2 . ? 3.959   3.207   5.617  1.00 8.13  ? 7  DM7 A "C5'"  1 
HETATM 171 C "C6'"  . DM7 B 2 . ? 3.968   3.212   7.163  1.00 13.12 ? 7  DM7 A "C6'"  1 
HETATM 172 O "O5'"  . DM7 B 2 . ? 5.017   4.065   5.158  1.00 15.51 ? 7  DM7 A "O5'"  1 
HETATM 173 N "N3'"  . DM7 B 2 . ? 1.552   4.066   2.798  1.00 11.38 ? 7  DM7 A "N3'"  1 
HETATM 174 I "I4'"  . DM7 B 2 . ? 1.964   5.589   5.692  1.00 15.82 ? 7  DM7 A "I4'"  1 
HETATM 175 O O      . HOH C 3 . ? 4.001   6.851   -5.925 1.00 31.12 ? 8  HOH A O      1 
HETATM 176 O O      . HOH C 3 . ? 6.382   6.787   -4.324 1.00 31.54 ? 9  HOH A O      1 
HETATM 177 O O      . HOH C 3 . ? -2.774  3.295   1.689  1.00 12.42 ? 10 HOH A O      1 
HETATM 178 O O      . HOH C 3 . ? 2.446   -2.040  -5.188 1.00 25.44 ? 11 HOH A O      1 
HETATM 179 O O      . HOH C 3 . ? 1.827   4.659   -5.067 1.00 28.17 ? 12 HOH A O      1 
HETATM 180 O O      . HOH C 3 . ? -4.542  -8.807  4.203  1.00 33.43 ? 13 HOH A O      1 
HETATM 181 O O      . HOH C 3 . ? 0.405   6.750   2.593  1.00 25.54 ? 14 HOH A O      1 
HETATM 182 O O      . HOH C 3 . ? -4.735  -5.817  -8.039 1.00 37.79 ? 15 HOH A O      1 
HETATM 183 O O      . HOH C 3 . ? -4.042  5.904   -7.062 1.00 34.00 ? 16 HOH A O      1 
HETATM 184 O O      . HOH C 3 . ? 6.614   2.167   10.116 1.00 29.32 ? 17 HOH A O      1 
HETATM 185 O O      . HOH C 3 . ? -0.676  1.038   -5.388 1.00 19.82 ? 18 HOH A O      1 
HETATM 186 O O      . HOH C 3 . ? 4.187   8.909   4.952  1.00 30.90 ? 19 HOH A O      1 
HETATM 187 O O      . HOH C 3 . ? -9.165  -12.551 -1.425 1.00 30.56 ? 20 HOH A O      1 
HETATM 188 O O      . HOH C 3 . ? 10.262  4.333   4.681  1.00 25.36 ? 21 HOH A O      1 
HETATM 189 O O      . HOH C 3 . ? 11.728  1.702   5.183  1.00 24.19 ? 22 HOH A O      1 
HETATM 190 O O      . HOH C 3 . ? -2.164  6.165   1.525  1.00 29.04 ? 23 HOH A O      1 
HETATM 191 O O      . HOH C 3 . ? 2.656   10.585  -1.510 1.00 36.04 ? 24 HOH A O      1 
HETATM 192 O O      . HOH C 3 . ? 7.508   4.352   -3.530 1.00 23.56 ? 25 HOH A O      1 
HETATM 193 O O      . HOH C 3 . ? 8.557   3.938   -5.963 1.00 44.05 ? 26 HOH A O      1 
HETATM 194 O O      . HOH C 3 . ? -10.376 -7.018  9.526  1.00 35.36 ? 27 HOH A O      1 
HETATM 195 O O      . HOH C 3 . ? -3.511  7.895   -0.563 1.00 36.01 ? 28 HOH A O      1 
HETATM 196 O O      . HOH C 3 . ? -5.000  7.611   -2.837 1.00 35.21 ? 29 HOH A O      1 
HETATM 197 O O      . HOH C 3 . ? 2.515   8.346   2.472  1.00 34.26 ? 30 HOH A O      1 
HETATM 198 O O      . HOH C 3 . ? 5.709   11.080  3.706  1.00 35.11 ? 31 HOH A O      1 
HETATM 199 O O      . HOH C 3 . ? 5.519   5.173   -8.103 1.00 41.74 ? 32 HOH A O      1 
HETATM 200 O O      . HOH C 3 . ? -0.744  6.375   -6.964 1.00 43.53 ? 33 HOH A O      1 
HETATM 201 O O      . HOH C 3 . ? 7.903   3.805   8.417  1.00 35.66 ? 34 HOH A O      1 
HETATM 202 O O      . HOH C 3 . ? 6.089   6.191   6.595  1.00 28.26 ? 35 HOH A O      1 
HETATM 203 O O      . HOH C 3 . ? -2.161  -4.117  -5.108 1.00 39.63 ? 36 HOH A O      1 
HETATM 204 O O      . HOH C 3 . ? 6.687   -5.475  -1.560 1.00 38.06 ? 37 HOH A O      1 
HETATM 205 O O      . HOH C 3 . ? -6.658  -10.474 1.603  1.00 36.52 ? 38 HOH A O      1 
HETATM 206 O O      . HOH C 3 . ? -10.912 -9.861  8.443  1.00 39.10 ? 39 HOH A O      1 
HETATM 207 O O      . HOH C 3 . ? -1.871  -1.578  -6.216 1.00 37.19 ? 40 HOH A O      1 
HETATM 208 O O      . HOH C 3 . ? 10.426  -1.105  8.357  1.00 40.26 ? 41 HOH A O      1 
HETATM 209 O O      . HOH C 3 . ? 8.205   7.330   -6.725 1.00 40.39 ? 42 HOH A O      1 
HETATM 210 O O      . HOH C 3 . ? -12.766 -4.997  -0.159 1.00 33.52 ? 43 HOH A O      1 
HETATM 211 O O      . HOH C 3 . ? -6.332  -9.647  -0.933 1.00 36.60 ? 44 HOH A O      1 
HETATM 212 O O      . HOH C 3 . ? 9.025   8.893   -1.764 1.00 35.66 ? 45 HOH A O      1 
HETATM 213 O O      . HOH C 3 . ? 0.009   10.579  -0.600 1.00 34.16 ? 46 HOH A O      1 
HETATM 214 O O      . HOH C 3 . ? 5.545   -4.877  -4.746 1.00 35.34 ? 47 HOH A O      1 
HETATM 215 O O      . HOH C 3 . ? -7.408  -7.625  -6.781 1.00 43.77 ? 48 HOH A O      1 
HETATM 216 O O      . HOH C 3 . ? -10.340 -8.025  -5.990 1.00 34.25 ? 49 HOH A O      1 
HETATM 217 O O      . HOH C 3 . ? -4.531  -9.007  -3.033 1.00 39.88 ? 50 HOH A O      1 
HETATM 218 O O      . HOH C 3 . ? -9.960  -4.155  -5.554 1.00 32.19 ? 51 HOH A O      1 
HETATM 219 O O      . HOH C 3 . ? -2.735  10.213  -4.559 1.00 38.34 ? 52 HOH A O      1 
HETATM 220 O O      . HOH C 3 . ? -13.061 -7.078  -3.025 1.00 35.96 ? 53 HOH A O      1 
HETATM 221 O O      . HOH C 3 . ? 0.439   -4.744  -0.906 1.00 24.80 ? 54 HOH A O      1 
HETATM 222 O O      . HOH C 3 . ? -1.200  -5.909  -3.293 1.00 35.18 ? 55 HOH A O      1 
HETATM 223 O O      . HOH C 3 . ? -2.459  -5.971  -0.639 1.00 28.47 ? 56 HOH A O      1 
HETATM 224 O O      . HOH C 3 . ? 2.403   -4.810  -3.037 1.00 34.92 ? 57 HOH A O      1 
HETATM 225 O O      . HOH C 3 . ? 1.271   -5.747  1.922  1.00 32.04 ? 58 HOH A O      1 
HETATM 226 O O      . HOH C 3 . ? 1.343   -7.895  -1.628 1.00 40.63 ? 59 HOH A O      1 
# 
